data_3W85
#
_entry.id   3W85
#
_cell.length_a   68.259
_cell.length_b   72.060
_cell.length_c   129.440
_cell.angle_alpha   90.000
_cell.angle_beta   90.000
_cell.angle_gamma   90.000
#
_symmetry.space_group_name_H-M   'P 21 21 21'
#
loop_
_entity.id
_entity.type
_entity.pdbx_description
1 polymer 'Dihydroorotate dehydrogenase (fumarate)'
2 non-polymer '5-{2-[3-(methoxycarbonyl)phenyl]ethyl}-2,6-dioxo-1,2,3,6-tetrahydropyrimidine-4-carboxylic acid'
3 non-polymer GLYCEROL
4 non-polymer 'FLAVIN MONONUCLEOTIDE'
5 non-polymer 'COBALT HEXAMMINE(III)'
6 water water
#
_entity_poly.entity_id   1
_entity_poly.type   'polypeptide(L)'
_entity_poly.pdbx_seq_one_letter_code
;MCLKLNLLDHVFANPFMNAAGVLCSTEEDLRCMTASSSGALVSKSCTSAPRDGNPEPRYMAFPLGSINSMGLPNLGFDFY
LKYASDLHDYSKKPLFLSISGLSVEENVAMVRRLAPVAQEKGVLLELNLSCPNVPGKPQVAYDFEAMRTYLQQVSLAYGL
PFGVKMPPYFDIAHFDTAAAVLNEFPLVKFVTCVNSVGNGLVIDAESESVVIKPKQGFGGLGGKYILPTALANVNAFYRR
CPDKLVFGCGGVYSGEDAFLHILAGASMVQVGTALQEEGPGIFTRLEDELLEIMARKGYRTLEEFRGRVKTIE
;
_entity_poly.pdbx_strand_id   A,B
#
# COMPACT_ATOMS: atom_id res chain seq x y z
N MET A 1 -24.29 -28.46 2.25
CA MET A 1 -23.28 -27.40 2.44
C MET A 1 -21.93 -27.76 1.83
N CYS A 2 -21.42 -26.97 0.89
CA CYS A 2 -20.16 -27.32 0.23
C CYS A 2 -19.32 -26.19 -0.34
N LEU A 3 -18.05 -26.45 -0.48
CA LEU A 3 -17.07 -25.48 -0.95
C LEU A 3 -16.71 -25.62 -2.41
N LYS A 4 -17.36 -26.55 -3.07
CA LYS A 4 -17.08 -26.93 -4.44
C LYS A 4 -17.30 -25.80 -5.43
N LEU A 5 -16.45 -25.75 -6.43
CA LEU A 5 -16.66 -24.86 -7.53
C LEU A 5 -16.22 -25.39 -8.88
N ASN A 6 -16.93 -24.97 -9.91
CA ASN A 6 -16.53 -25.30 -11.26
C ASN A 6 -16.30 -24.00 -12.01
N LEU A 7 -15.07 -23.81 -12.47
CA LEU A 7 -14.72 -22.63 -13.25
C LEU A 7 -13.66 -22.98 -14.29
N LEU A 8 -13.64 -22.22 -15.39
CA LEU A 8 -12.63 -22.33 -16.36
C LEU A 8 -12.64 -23.79 -16.86
N ASP A 9 -13.80 -24.42 -16.84
CA ASP A 9 -13.92 -25.82 -17.29
C ASP A 9 -13.19 -26.83 -16.45
N HIS A 10 -12.99 -26.51 -15.18
CA HIS A 10 -12.39 -27.47 -14.26
C HIS A 10 -13.24 -27.57 -13.04
N VAL A 11 -13.04 -28.61 -12.25
CA VAL A 11 -13.79 -28.71 -11.01
C VAL A 11 -12.77 -28.59 -9.89
N PHE A 12 -13.14 -27.84 -8.85
CA PHE A 12 -12.27 -27.61 -7.69
C PHE A 12 -13.02 -27.97 -6.41
N ALA A 13 -12.36 -28.73 -5.52
CA ALA A 13 -13.01 -29.23 -4.32
C ALA A 13 -13.30 -28.02 -3.37
N ASN A 14 -12.49 -26.96 -3.46
CA ASN A 14 -12.68 -25.82 -2.60
C ASN A 14 -11.91 -24.64 -3.26
N PRO A 15 -12.12 -23.44 -2.79
CA PRO A 15 -11.47 -22.29 -3.47
C PRO A 15 -10.01 -22.02 -3.08
N PHE A 16 -9.42 -22.84 -2.22
CA PHE A 16 -8.05 -22.47 -1.71
C PHE A 16 -6.92 -22.97 -2.58
N MET A 17 -5.85 -22.18 -2.69
CA MET A 17 -4.64 -22.67 -3.38
C MET A 17 -3.51 -21.85 -2.86
N ASN A 18 -2.28 -22.30 -3.14
CA ASN A 18 -1.12 -21.48 -2.76
C ASN A 18 -1.07 -20.22 -3.64
N ALA A 19 -0.45 -19.12 -3.16
CA ALA A 19 -0.09 -17.96 -3.97
C ALA A 19 1.19 -18.31 -4.71
N ALA A 20 1.34 -17.89 -5.97
CA ALA A 20 2.56 -18.22 -6.68
C ALA A 20 3.81 -17.74 -5.86
N GLY A 21 4.86 -18.52 -5.87
CA GLY A 21 6.07 -18.25 -5.14
C GLY A 21 6.17 -18.92 -3.79
N VAL A 22 5.05 -19.34 -3.27
CA VAL A 22 5.04 -20.04 -2.01
C VAL A 22 4.79 -21.56 -2.23
N LEU A 23 5.73 -22.32 -1.72
CA LEU A 23 5.71 -23.75 -1.66
C LEU A 23 5.42 -24.35 -3.04
N CYS A 24 6.13 -23.88 -4.02
CA CYS A 24 5.89 -24.29 -5.36
C CYS A 24 7.08 -24.22 -6.33
N SER A 25 8.28 -24.14 -5.81
CA SER A 25 9.51 -24.11 -6.57
C SER A 25 10.09 -25.40 -7.18
N THR A 26 9.96 -26.46 -6.44
CA THR A 26 10.59 -27.70 -6.71
C THR A 26 9.55 -28.78 -6.87
N GLU A 27 9.99 -29.89 -7.42
CA GLU A 27 9.14 -31.04 -7.53
C GLU A 27 8.66 -31.46 -6.16
N GLU A 28 9.57 -31.41 -5.20
CA GLU A 28 9.14 -31.78 -3.86
C GLU A 28 7.99 -30.86 -3.37
N ASP A 29 8.13 -29.55 -3.56
CA ASP A 29 7.07 -28.55 -3.19
C ASP A 29 5.73 -28.86 -3.89
N LEU A 30 5.79 -29.13 -5.18
CA LEU A 30 4.60 -29.27 -5.98
C LEU A 30 3.86 -30.52 -5.58
N ARG A 31 4.59 -31.60 -5.28
N ARG A 31 4.61 -31.61 -5.28
CA ARG A 31 3.96 -32.86 -4.84
CA ARG A 31 4.04 -32.88 -4.80
C ARG A 31 3.35 -32.68 -3.43
C ARG A 31 3.34 -32.64 -3.46
N CYS A 32 4.04 -31.92 -2.61
CA CYS A 32 3.44 -31.50 -1.31
C CYS A 32 2.13 -30.72 -1.47
N MET A 33 2.12 -29.65 -2.27
CA MET A 33 0.88 -28.91 -2.49
C MET A 33 -0.21 -29.86 -3.08
N THR A 34 0.19 -30.78 -4.00
CA THR A 34 -0.76 -31.75 -4.53
C THR A 34 -1.34 -32.68 -3.45
N ALA A 35 -0.48 -33.12 -2.51
CA ALA A 35 -0.96 -33.99 -1.43
C ALA A 35 -1.86 -33.26 -0.38
N SER A 36 -1.78 -31.92 -0.35
CA SER A 36 -2.49 -31.12 0.65
C SER A 36 -3.99 -31.07 0.29
N SER A 37 -4.81 -30.47 1.15
N SER A 37 -4.79 -30.45 1.17
CA SER A 37 -6.23 -30.42 0.86
CA SER A 37 -6.23 -30.35 0.92
C SER A 37 -6.59 -29.15 0.09
C SER A 37 -6.58 -29.14 0.07
N SER A 38 -5.59 -28.40 -0.41
CA SER A 38 -5.91 -27.24 -1.29
C SER A 38 -6.80 -27.66 -2.51
N GLY A 39 -7.67 -26.76 -3.00
CA GLY A 39 -8.46 -27.08 -4.23
C GLY A 39 -7.64 -27.03 -5.52
N ALA A 40 -6.49 -26.31 -5.54
CA ALA A 40 -5.64 -26.24 -6.75
C ALA A 40 -4.22 -25.88 -6.30
N LEU A 41 -3.26 -25.76 -7.23
CA LEU A 41 -1.91 -25.27 -6.91
C LEU A 41 -1.43 -24.50 -8.12
N VAL A 42 -0.51 -23.59 -7.87
CA VAL A 42 0.12 -22.84 -8.95
C VAL A 42 1.62 -22.97 -8.80
N SER A 43 2.32 -23.19 -9.91
CA SER A 43 3.78 -23.31 -9.87
C SER A 43 4.50 -21.98 -9.69
N LYS A 44 5.71 -21.97 -9.11
CA LYS A 44 6.51 -20.74 -9.10
C LYS A 44 6.61 -20.05 -10.46
N SER A 45 6.51 -18.71 -10.45
CA SER A 45 6.66 -17.85 -11.67
C SER A 45 8.04 -18.15 -12.28
N CYS A 46 8.07 -18.57 -13.56
CA CYS A 46 9.34 -19.01 -14.09
C CYS A 46 9.89 -18.10 -15.20
N THR A 47 11.19 -18.25 -15.49
CA THR A 47 11.79 -17.55 -16.59
C THR A 47 12.27 -18.66 -17.54
N SER A 48 12.69 -18.28 -18.74
CA SER A 48 13.19 -19.27 -19.73
C SER A 48 14.37 -20.08 -19.16
N ALA A 49 15.33 -19.38 -18.56
CA ALA A 49 16.50 -20.03 -18.00
C ALA A 49 16.33 -20.21 -16.45
N PRO A 50 16.91 -21.27 -15.86
CA PRO A 50 16.89 -21.31 -14.37
C PRO A 50 17.56 -20.07 -13.74
N ARG A 51 17.08 -19.65 -12.55
CA ARG A 51 17.68 -18.54 -11.80
C ARG A 51 17.91 -18.85 -10.35
N ASP A 52 19.03 -18.36 -9.82
CA ASP A 52 19.42 -18.54 -8.44
C ASP A 52 18.68 -17.50 -7.58
N GLY A 53 18.34 -16.35 -8.13
CA GLY A 53 17.64 -15.33 -7.40
C GLY A 53 18.62 -14.44 -6.65
N ASN A 54 18.09 -13.57 -5.79
CA ASN A 54 18.88 -12.62 -5.01
C ASN A 54 19.63 -13.28 -3.84
N PRO A 55 20.69 -12.61 -3.36
CA PRO A 55 21.40 -13.03 -2.16
C PRO A 55 20.51 -13.06 -0.90
N GLU A 56 20.79 -14.00 0.02
CA GLU A 56 20.06 -14.15 1.26
C GLU A 56 20.63 -13.33 2.42
N PRO A 57 19.83 -12.94 3.40
CA PRO A 57 18.39 -13.19 3.61
C PRO A 57 17.53 -12.35 2.61
N ARG A 58 16.48 -12.97 2.08
CA ARG A 58 15.71 -12.27 1.02
C ARG A 58 14.21 -12.44 1.30
N TYR A 59 13.87 -13.14 2.36
CA TYR A 59 12.48 -13.21 2.86
C TYR A 59 12.54 -13.16 4.32
N MET A 60 11.65 -12.40 4.98
CA MET A 60 11.49 -12.50 6.41
C MET A 60 10.01 -12.32 6.78
N ALA A 61 9.57 -12.98 7.84
CA ALA A 61 8.17 -12.89 8.31
C ALA A 61 8.09 -12.40 9.76
N PHE A 62 6.97 -11.80 10.13
CA PHE A 62 6.79 -11.13 11.43
C PHE A 62 5.30 -11.32 11.76
N PRO A 63 4.88 -10.99 13.02
CA PRO A 63 3.44 -11.14 13.38
C PRO A 63 2.47 -10.54 12.33
N LEU A 64 2.80 -9.41 11.69
CA LEU A 64 1.77 -8.80 10.83
C LEU A 64 2.00 -9.10 9.35
N GLY A 65 3.01 -9.90 9.03
CA GLY A 65 3.19 -10.39 7.67
C GLY A 65 4.63 -10.50 7.25
N SER A 66 4.93 -10.22 5.99
CA SER A 66 6.24 -10.64 5.41
C SER A 66 6.83 -9.57 4.47
N ILE A 67 8.15 -9.66 4.26
CA ILE A 67 8.81 -8.83 3.26
C ILE A 67 9.70 -9.74 2.43
N ASN A 68 9.71 -9.57 1.10
CA ASN A 68 10.58 -10.41 0.27
C ASN A 68 11.19 -9.63 -0.89
N SER A 69 12.43 -9.97 -1.25
CA SER A 69 12.97 -9.61 -2.52
C SER A 69 13.69 -10.82 -3.07
N MET A 70 12.91 -11.84 -3.49
CA MET A 70 13.48 -13.15 -3.88
C MET A 70 14.34 -13.01 -5.19
N GLY A 71 13.96 -12.13 -6.11
CA GLY A 71 14.66 -12.06 -7.42
C GLY A 71 14.30 -13.17 -8.41
N LEU A 72 13.11 -13.76 -8.26
CA LEU A 72 12.61 -14.77 -9.18
C LEU A 72 13.55 -16.00 -9.30
N PRO A 73 13.98 -16.56 -8.17
CA PRO A 73 14.68 -17.87 -8.23
C PRO A 73 13.71 -18.94 -8.73
N ASN A 74 14.11 -19.81 -9.66
CA ASN A 74 13.17 -20.77 -10.20
C ASN A 74 13.95 -21.81 -11.01
N LEU A 75 13.31 -22.92 -11.31
CA LEU A 75 14.11 -24.00 -11.90
C LEU A 75 14.10 -23.89 -13.42
N GLY A 76 13.41 -22.88 -13.94
CA GLY A 76 13.40 -22.67 -15.38
C GLY A 76 12.14 -23.26 -16.00
N PHE A 77 11.71 -22.65 -17.07
CA PHE A 77 10.48 -23.06 -17.73
C PHE A 77 10.42 -24.53 -18.13
N ASP A 78 11.51 -25.07 -18.62
CA ASP A 78 11.47 -26.46 -19.09
C ASP A 78 11.07 -27.37 -17.95
N PHE A 79 11.61 -27.10 -16.75
CA PHE A 79 11.19 -27.91 -15.59
C PHE A 79 9.67 -27.86 -15.31
N TYR A 80 9.08 -26.66 -15.28
CA TYR A 80 7.65 -26.50 -14.92
C TYR A 80 6.76 -27.05 -16.02
N LEU A 81 7.22 -26.90 -17.25
CA LEU A 81 6.49 -27.50 -18.42
C LEU A 81 6.48 -29.03 -18.37
N LYS A 82 7.63 -29.59 -18.01
CA LYS A 82 7.74 -31.05 -17.75
C LYS A 82 6.87 -31.50 -16.60
N TYR A 83 6.80 -30.68 -15.54
CA TYR A 83 5.97 -31.04 -14.38
C TYR A 83 4.50 -31.08 -14.89
N ALA A 84 4.08 -30.04 -15.63
CA ALA A 84 2.71 -30.04 -16.14
C ALA A 84 2.43 -31.18 -17.14
N SER A 85 3.37 -31.46 -18.04
CA SER A 85 3.05 -32.45 -19.08
C SER A 85 3.21 -33.89 -18.61
N ASP A 86 4.17 -34.16 -17.72
CA ASP A 86 4.50 -35.53 -17.35
C ASP A 86 4.28 -35.93 -15.88
N LEU A 87 4.33 -34.99 -14.92
CA LEU A 87 4.38 -35.41 -13.52
C LEU A 87 3.16 -35.10 -12.73
N HIS A 88 2.42 -34.04 -13.08
CA HIS A 88 1.32 -33.63 -12.19
C HIS A 88 0.20 -34.64 -12.34
N ASP A 89 -0.44 -34.98 -11.24
CA ASP A 89 -1.65 -35.81 -11.30
C ASP A 89 -2.91 -34.94 -11.32
N TYR A 90 -3.44 -34.71 -12.52
CA TYR A 90 -4.65 -33.94 -12.71
C TYR A 90 -5.89 -34.59 -12.09
N SER A 91 -5.86 -35.87 -11.74
CA SER A 91 -7.01 -36.43 -11.07
C SER A 91 -7.11 -35.94 -9.62
N LYS A 92 -6.03 -35.35 -9.07
CA LYS A 92 -6.05 -34.87 -7.69
C LYS A 92 -6.63 -33.44 -7.64
N LYS A 93 -6.14 -32.52 -8.49
CA LYS A 93 -6.64 -31.17 -8.53
C LYS A 93 -6.05 -30.45 -9.72
N PRO A 94 -6.64 -29.31 -10.14
CA PRO A 94 -6.06 -28.57 -11.22
C PRO A 94 -4.75 -27.89 -10.91
N LEU A 95 -3.97 -27.70 -11.96
CA LEU A 95 -2.68 -27.01 -11.88
C LEU A 95 -2.72 -25.68 -12.67
N PHE A 96 -2.17 -24.62 -12.08
CA PHE A 96 -1.88 -23.36 -12.81
C PHE A 96 -0.38 -23.25 -12.97
N LEU A 97 0.12 -22.71 -14.10
CA LEU A 97 1.53 -22.56 -14.28
C LEU A 97 1.74 -21.06 -14.42
N SER A 98 2.56 -20.47 -13.53
CA SER A 98 2.69 -19.01 -13.53
C SER A 98 3.97 -18.71 -14.34
N ILE A 99 3.90 -17.74 -15.23
CA ILE A 99 5.12 -17.36 -15.96
C ILE A 99 5.44 -15.90 -15.77
N SER A 100 6.71 -15.59 -15.75
CA SER A 100 7.04 -14.22 -15.47
C SER A 100 8.33 -13.82 -16.22
N GLY A 101 8.31 -13.90 -17.56
CA GLY A 101 9.50 -13.62 -18.43
C GLY A 101 9.95 -12.17 -18.23
N LEU A 102 11.24 -11.93 -18.45
CA LEU A 102 11.84 -10.60 -18.25
C LEU A 102 11.64 -9.58 -19.40
N SER A 103 11.01 -10.01 -20.49
CA SER A 103 10.78 -9.16 -21.64
C SER A 103 9.57 -9.81 -22.28
N VAL A 104 8.87 -9.06 -23.13
CA VAL A 104 7.72 -9.61 -23.84
C VAL A 104 8.15 -10.80 -24.70
N GLU A 105 9.32 -10.72 -25.34
CA GLU A 105 9.78 -11.83 -26.20
C GLU A 105 9.96 -13.14 -25.40
N GLU A 106 10.51 -13.02 -24.19
CA GLU A 106 10.70 -14.24 -23.36
C GLU A 106 9.27 -14.85 -23.02
N ASN A 107 8.31 -13.99 -22.67
CA ASN A 107 6.94 -14.48 -22.40
C ASN A 107 6.31 -15.19 -23.59
N VAL A 108 6.46 -14.57 -24.77
CA VAL A 108 5.92 -15.11 -25.98
C VAL A 108 6.51 -16.53 -26.26
N ALA A 109 7.80 -16.68 -26.10
CA ALA A 109 8.42 -17.96 -26.35
C ALA A 109 7.90 -19.05 -25.42
N MET A 110 7.71 -18.70 -24.16
CA MET A 110 7.23 -19.66 -23.21
C MET A 110 5.80 -20.08 -23.57
N VAL A 111 4.96 -19.11 -23.88
CA VAL A 111 3.56 -19.44 -24.05
C VAL A 111 3.33 -20.17 -25.39
N ARG A 112 4.13 -20.10 -26.40
N ARG A 112 4.13 -20.10 -26.40
CA ARG A 112 3.93 -20.89 -27.59
CA ARG A 112 3.93 -20.88 -27.58
C ARG A 112 4.06 -22.34 -27.30
C ARG A 112 4.06 -22.34 -27.30
N ARG A 113 4.99 -22.68 -26.48
CA ARG A 113 5.44 -23.95 -25.98
C ARG A 113 4.49 -24.56 -24.95
N LEU A 114 3.93 -23.72 -24.13
CA LEU A 114 2.90 -24.11 -23.17
C LEU A 114 1.60 -24.55 -23.84
N ALA A 115 1.30 -23.91 -24.92
CA ALA A 115 -0.02 -24.00 -25.49
C ALA A 115 -0.44 -25.42 -25.83
N PRO A 116 0.43 -26.20 -26.46
CA PRO A 116 -0.01 -27.61 -26.71
C PRO A 116 -0.25 -28.44 -25.45
N VAL A 117 0.51 -28.18 -24.39
CA VAL A 117 0.32 -28.91 -23.16
C VAL A 117 -0.95 -28.43 -22.45
N ALA A 118 -1.23 -27.13 -22.51
CA ALA A 118 -2.47 -26.59 -21.97
C ALA A 118 -3.69 -27.23 -22.67
N GLN A 119 -3.66 -27.32 -23.99
CA GLN A 119 -4.78 -27.99 -24.73
C GLN A 119 -4.89 -29.46 -24.37
N GLU A 120 -3.75 -30.15 -24.33
CA GLU A 120 -3.80 -31.58 -24.02
C GLU A 120 -4.10 -32.00 -22.54
N LYS A 121 -3.42 -31.37 -21.58
CA LYS A 121 -3.51 -31.73 -20.14
C LYS A 121 -4.47 -30.83 -19.36
N GLY A 122 -4.72 -29.61 -19.79
CA GLY A 122 -5.67 -28.74 -19.09
C GLY A 122 -4.95 -27.78 -18.11
N VAL A 123 -3.60 -27.75 -18.11
CA VAL A 123 -2.90 -26.79 -17.19
C VAL A 123 -3.36 -25.39 -17.58
N LEU A 124 -3.49 -24.50 -16.61
CA LEU A 124 -4.04 -23.14 -16.85
C LEU A 124 -2.89 -22.11 -16.65
N LEU A 125 -2.80 -21.13 -17.51
CA LEU A 125 -1.71 -20.12 -17.48
C LEU A 125 -2.06 -18.90 -16.61
N GLU A 126 -1.17 -18.50 -15.68
CA GLU A 126 -1.28 -17.21 -14.97
C GLU A 126 -0.05 -16.41 -15.40
N LEU A 127 -0.31 -15.32 -16.13
CA LEU A 127 0.77 -14.45 -16.53
C LEU A 127 1.05 -13.39 -15.45
N ASN A 128 2.25 -13.34 -14.94
CA ASN A 128 2.57 -12.39 -13.92
C ASN A 128 2.96 -11.04 -14.50
N LEU A 129 2.10 -10.06 -14.37
CA LEU A 129 2.39 -8.71 -14.84
C LEU A 129 3.02 -7.76 -13.81
N SER A 130 3.13 -8.24 -12.59
CA SER A 130 3.64 -7.47 -11.49
C SER A 130 5.05 -7.85 -11.45
N CYS A 131 5.80 -7.43 -12.46
CA CYS A 131 7.10 -7.93 -12.78
C CYS A 131 7.99 -6.88 -13.45
N PRO A 132 9.39 -7.02 -13.23
CA PRO A 132 10.22 -6.00 -13.91
C PRO A 132 10.22 -6.00 -15.43
N ASN A 133 10.21 -4.82 -16.02
CA ASN A 133 10.43 -4.66 -17.44
C ASN A 133 11.84 -4.12 -17.68
N VAL A 134 11.98 -2.91 -18.19
CA VAL A 134 13.27 -2.27 -18.31
C VAL A 134 13.58 -1.45 -17.08
N PRO A 135 14.85 -1.70 -16.55
CA PRO A 135 15.10 -0.97 -15.28
C PRO A 135 15.04 0.55 -15.40
N GLY A 136 14.46 1.19 -14.40
CA GLY A 136 14.13 2.59 -14.43
C GLY A 136 12.79 2.90 -15.07
N LYS A 137 12.09 1.88 -15.49
CA LYS A 137 10.71 2.01 -15.87
C LYS A 137 9.91 1.26 -14.81
N PRO A 138 8.59 1.70 -14.68
CA PRO A 138 7.85 0.99 -13.64
C PRO A 138 7.59 -0.45 -14.03
N GLN A 139 7.25 -1.30 -13.08
CA GLN A 139 6.87 -2.69 -13.43
C GLN A 139 5.74 -2.71 -14.52
N VAL A 140 5.57 -3.85 -15.20
CA VAL A 140 4.72 -3.84 -16.43
C VAL A 140 3.28 -3.29 -16.19
N ALA A 141 2.67 -3.70 -15.09
CA ALA A 141 1.25 -3.41 -14.85
C ALA A 141 1.01 -1.97 -14.37
N TYR A 142 2.07 -1.27 -14.02
CA TYR A 142 1.98 0.16 -13.69
C TYR A 142 2.37 1.03 -14.86
N ASP A 143 2.48 0.42 -16.04
CA ASP A 143 2.82 1.13 -17.30
C ASP A 143 1.85 0.59 -18.36
N PHE A 144 0.75 1.31 -18.61
CA PHE A 144 -0.39 0.72 -19.34
C PHE A 144 -0.13 0.42 -20.78
N GLU A 145 0.82 1.14 -21.35
CA GLU A 145 1.26 0.84 -22.73
C GLU A 145 2.04 -0.50 -22.81
N ALA A 146 3.03 -0.70 -21.93
CA ALA A 146 3.70 -2.01 -21.86
C ALA A 146 2.71 -3.14 -21.53
N MET A 147 1.79 -2.91 -20.60
CA MET A 147 0.77 -3.89 -20.32
C MET A 147 -0.05 -4.30 -21.53
N ARG A 148 -0.53 -3.32 -22.30
CA ARG A 148 -1.33 -3.66 -23.49
C ARG A 148 -0.49 -4.50 -24.50
N THR A 149 0.80 -4.15 -24.60
CA THR A 149 1.70 -4.89 -25.48
C THR A 149 1.85 -6.34 -25.05
N TYR A 150 2.08 -6.56 -23.74
CA TYR A 150 2.31 -7.90 -23.27
C TYR A 150 1.02 -8.68 -23.57
N LEU A 151 -0.16 -8.07 -23.32
CA LEU A 151 -1.42 -8.83 -23.49
C LEU A 151 -1.78 -9.13 -24.93
N GLN A 152 -1.52 -8.18 -25.83
CA GLN A 152 -1.72 -8.41 -27.27
C GLN A 152 -0.84 -9.58 -27.79
N GLN A 153 0.43 -9.54 -27.43
CA GLN A 153 1.34 -10.51 -28.00
C GLN A 153 1.14 -11.87 -27.37
N VAL A 154 0.87 -11.89 -26.05
CA VAL A 154 0.57 -13.14 -25.44
C VAL A 154 -0.76 -13.74 -25.95
N SER A 155 -1.78 -12.92 -26.12
CA SER A 155 -3.05 -13.43 -26.66
C SER A 155 -2.79 -14.15 -28.00
N LEU A 156 -2.11 -13.44 -28.89
CA LEU A 156 -1.72 -13.99 -30.22
C LEU A 156 -0.88 -15.27 -30.18
N ALA A 157 0.17 -15.28 -29.38
CA ALA A 157 1.07 -16.45 -29.26
C ALA A 157 0.43 -17.65 -28.58
N TYR A 158 -0.49 -17.42 -27.66
CA TYR A 158 -1.07 -18.52 -26.89
C TYR A 158 -2.41 -19.00 -27.41
N GLY A 159 -3.35 -18.09 -27.65
CA GLY A 159 -4.57 -18.48 -28.37
C GLY A 159 -5.58 -19.27 -27.52
N LEU A 160 -5.35 -19.31 -26.20
CA LEU A 160 -6.15 -20.09 -25.28
C LEU A 160 -6.51 -19.17 -24.09
N PRO A 161 -7.55 -19.54 -23.34
CA PRO A 161 -7.91 -18.77 -22.11
C PRO A 161 -6.73 -18.73 -21.11
N PHE A 162 -6.46 -17.57 -20.54
CA PHE A 162 -5.40 -17.50 -19.50
C PHE A 162 -5.85 -16.46 -18.46
N GLY A 163 -5.03 -16.24 -17.44
CA GLY A 163 -5.28 -15.17 -16.46
C GLY A 163 -4.04 -14.39 -16.20
N VAL A 164 -4.16 -13.32 -15.44
CA VAL A 164 -3.13 -12.39 -15.23
C VAL A 164 -3.01 -12.11 -13.70
N LYS A 165 -1.80 -12.10 -13.18
CA LYS A 165 -1.60 -11.68 -11.77
C LYS A 165 -1.24 -10.21 -11.74
N MET A 166 -1.99 -9.42 -10.98
CA MET A 166 -1.88 -7.93 -10.98
C MET A 166 -1.24 -7.41 -9.67
N PRO A 167 -0.42 -6.33 -9.75
CA PRO A 167 0.05 -5.65 -8.54
C PRO A 167 -1.15 -4.88 -7.95
N PRO A 168 -1.09 -4.50 -6.67
CA PRO A 168 -2.17 -3.62 -6.16
C PRO A 168 -2.15 -2.22 -6.80
N TYR A 169 -3.35 -1.66 -7.00
CA TYR A 169 -3.45 -0.23 -7.35
C TYR A 169 -4.01 0.62 -6.20
N PHE A 170 -3.72 1.91 -6.17
CA PHE A 170 -4.02 2.79 -5.02
C PHE A 170 -4.81 4.03 -5.37
N ASP A 171 -5.03 4.21 -6.67
CA ASP A 171 -5.70 5.43 -7.20
C ASP A 171 -6.87 4.93 -8.07
N ILE A 172 -8.04 5.54 -7.93
CA ILE A 172 -9.20 5.11 -8.75
C ILE A 172 -8.91 5.18 -10.25
N ALA A 173 -8.09 6.18 -10.67
CA ALA A 173 -7.78 6.33 -12.12
C ALA A 173 -7.13 5.08 -12.69
N HIS A 174 -6.30 4.45 -11.84
CA HIS A 174 -5.56 3.27 -12.24
C HIS A 174 -6.46 2.06 -12.35
N PHE A 175 -7.42 1.92 -11.39
CA PHE A 175 -8.44 0.88 -11.44
C PHE A 175 -9.17 1.00 -12.79
N ASP A 176 -9.61 2.23 -13.12
CA ASP A 176 -10.37 2.46 -14.34
C ASP A 176 -9.58 2.08 -15.56
N THR A 177 -8.34 2.55 -15.64
CA THR A 177 -7.53 2.30 -16.84
C THR A 177 -7.13 0.83 -16.98
N ALA A 178 -6.65 0.25 -15.87
CA ALA A 178 -6.24 -1.13 -15.83
C ALA A 178 -7.36 -2.03 -16.28
N ALA A 179 -8.57 -1.86 -15.74
CA ALA A 179 -9.70 -2.75 -16.09
C ALA A 179 -10.08 -2.60 -17.58
N ALA A 180 -9.98 -1.37 -18.08
CA ALA A 180 -10.34 -1.11 -19.47
C ALA A 180 -9.30 -1.81 -20.41
N VAL A 181 -8.01 -1.77 -20.05
CA VAL A 181 -7.00 -2.54 -20.77
C VAL A 181 -7.35 -4.05 -20.76
N LEU A 182 -7.59 -4.59 -19.57
CA LEU A 182 -7.91 -6.02 -19.41
C LEU A 182 -9.15 -6.43 -20.21
N ASN A 183 -10.10 -5.51 -20.27
CA ASN A 183 -11.39 -5.81 -20.93
C ASN A 183 -11.23 -5.80 -22.49
N GLU A 184 -10.10 -5.28 -23.00
CA GLU A 184 -9.78 -5.41 -24.45
C GLU A 184 -9.46 -6.83 -24.85
N PHE A 185 -9.17 -7.73 -23.88
CA PHE A 185 -8.65 -9.06 -24.21
C PHE A 185 -9.58 -10.19 -23.76
N PRO A 186 -10.39 -10.72 -24.70
CA PRO A 186 -11.35 -11.75 -24.31
C PRO A 186 -10.71 -13.06 -23.86
N LEU A 187 -9.45 -13.33 -24.17
CA LEU A 187 -8.85 -14.61 -23.67
C LEU A 187 -8.41 -14.47 -22.18
N VAL A 188 -8.28 -13.23 -21.68
CA VAL A 188 -8.01 -13.05 -20.25
C VAL A 188 -9.30 -13.41 -19.49
N LYS A 189 -9.41 -14.64 -18.99
CA LYS A 189 -10.62 -15.05 -18.27
C LYS A 189 -10.61 -14.85 -16.76
N PHE A 190 -9.44 -14.71 -16.18
CA PHE A 190 -9.35 -14.42 -14.73
C PHE A 190 -8.27 -13.39 -14.42
N VAL A 191 -8.47 -12.64 -13.33
CA VAL A 191 -7.50 -11.64 -12.86
C VAL A 191 -7.23 -11.94 -11.37
N THR A 192 -5.96 -12.16 -11.04
CA THR A 192 -5.59 -12.36 -9.67
C THR A 192 -5.13 -11.03 -9.02
N CYS A 193 -5.82 -10.66 -7.95
CA CYS A 193 -5.51 -9.43 -7.22
C CYS A 193 -5.27 -9.89 -5.80
N VAL A 194 -4.06 -9.69 -5.22
CA VAL A 194 -2.97 -8.85 -5.71
C VAL A 194 -1.68 -9.53 -5.43
N ASN A 195 -0.63 -9.07 -6.14
CA ASN A 195 0.71 -9.42 -5.84
C ASN A 195 1.11 -8.60 -4.61
N SER A 196 2.37 -8.75 -4.18
CA SER A 196 2.82 -8.04 -3.00
C SER A 196 2.76 -6.48 -3.13
N VAL A 197 2.54 -5.80 -2.00
CA VAL A 197 2.56 -4.34 -1.94
C VAL A 197 4.05 -3.87 -2.05
N GLY A 198 4.35 -3.24 -3.18
CA GLY A 198 5.75 -3.02 -3.60
C GLY A 198 6.60 -2.12 -2.70
N ASN A 199 7.87 -2.52 -2.56
CA ASN A 199 8.93 -1.69 -1.95
C ASN A 199 8.59 -1.08 -0.61
N GLY A 200 8.13 -1.93 0.31
CA GLY A 200 8.02 -1.52 1.74
C GLY A 200 9.41 -1.69 2.38
N LEU A 201 9.55 -1.28 3.63
CA LEU A 201 10.85 -1.37 4.25
C LEU A 201 10.65 -1.76 5.71
N VAL A 202 11.13 -2.91 6.15
CA VAL A 202 10.99 -3.32 7.53
C VAL A 202 12.35 -3.12 8.21
N ILE A 203 12.32 -2.48 9.36
CA ILE A 203 13.52 -2.17 10.10
C ILE A 203 13.44 -2.81 11.46
N ASP A 204 14.51 -3.47 11.89
CA ASP A 204 14.56 -4.10 13.20
C ASP A 204 15.12 -3.08 14.22
N ALA A 205 14.34 -2.73 15.24
CA ALA A 205 14.77 -1.69 16.22
C ALA A 205 16.01 -2.10 17.04
N GLU A 206 16.09 -3.38 17.43
CA GLU A 206 17.22 -3.85 18.28
C GLU A 206 18.54 -3.69 17.52
N SER A 207 18.58 -4.26 16.33
CA SER A 207 19.82 -4.17 15.57
C SER A 207 19.96 -2.86 14.73
N GLU A 208 18.92 -2.05 14.65
CA GLU A 208 18.90 -0.82 13.82
C GLU A 208 19.21 -1.10 12.37
N SER A 209 18.77 -2.27 11.91
CA SER A 209 19.14 -2.76 10.61
C SER A 209 17.90 -3.10 9.82
N VAL A 210 18.00 -2.97 8.48
CA VAL A 210 16.99 -3.64 7.58
C VAL A 210 17.08 -5.18 7.69
N VAL A 211 16.07 -5.91 7.22
CA VAL A 211 16.00 -7.33 7.58
C VAL A 211 16.23 -8.21 6.36
N ILE A 212 16.24 -7.63 5.14
CA ILE A 212 16.62 -8.40 3.98
C ILE A 212 17.77 -7.67 3.28
N LYS A 213 18.56 -8.45 2.56
CA LYS A 213 19.80 -7.96 1.95
C LYS A 213 19.64 -7.26 0.62
N PRO A 214 18.83 -7.82 -0.33
CA PRO A 214 18.71 -7.11 -1.61
C PRO A 214 18.11 -5.68 -1.43
N LYS A 215 18.48 -4.81 -2.37
CA LYS A 215 17.79 -3.51 -2.62
C LYS A 215 17.74 -2.68 -1.34
N GLN A 216 18.84 -2.70 -0.56
CA GLN A 216 18.93 -1.88 0.66
C GLN A 216 17.77 -2.11 1.62
N GLY A 217 17.23 -3.33 1.59
CA GLY A 217 16.15 -3.64 2.53
C GLY A 217 14.77 -3.52 1.96
N PHE A 218 14.62 -2.96 0.74
CA PHE A 218 13.27 -2.69 0.21
C PHE A 218 12.71 -3.99 -0.39
N GLY A 219 11.46 -4.30 -0.17
CA GLY A 219 10.95 -5.56 -0.66
C GLY A 219 9.43 -5.55 -0.62
N GLY A 220 8.82 -6.54 -1.25
CA GLY A 220 7.37 -6.56 -1.37
C GLY A 220 6.74 -7.10 -0.10
N LEU A 221 5.63 -6.48 0.27
CA LEU A 221 4.95 -6.78 1.52
C LEU A 221 3.78 -7.75 1.33
N GLY A 222 3.65 -8.74 2.20
CA GLY A 222 2.50 -9.62 2.14
C GLY A 222 1.90 -9.77 3.53
N GLY A 223 0.77 -10.47 3.64
CA GLY A 223 0.22 -10.80 4.92
C GLY A 223 -0.73 -9.77 5.51
N LYS A 224 -0.82 -9.70 6.85
CA LYS A 224 -1.89 -8.89 7.51
C LYS A 224 -1.83 -7.42 7.10
N TYR A 225 -0.61 -6.91 6.80
CA TYR A 225 -0.49 -5.55 6.30
C TYR A 225 -1.40 -5.24 5.11
N ILE A 226 -1.64 -6.23 4.28
CA ILE A 226 -2.18 -5.88 2.97
C ILE A 226 -3.62 -6.31 2.72
N LEU A 227 -4.27 -6.89 3.73
CA LEU A 227 -5.70 -7.33 3.49
C LEU A 227 -6.64 -6.26 2.95
N PRO A 228 -6.80 -5.08 3.63
CA PRO A 228 -7.71 -4.11 3.04
C PRO A 228 -7.37 -3.68 1.59
N THR A 229 -6.09 -3.58 1.31
CA THR A 229 -5.59 -3.22 -0.01
C THR A 229 -5.99 -4.37 -0.96
N ALA A 230 -5.81 -5.62 -0.53
CA ALA A 230 -6.17 -6.78 -1.44
C ALA A 230 -7.72 -6.81 -1.69
N LEU A 231 -8.54 -6.59 -0.63
CA LEU A 231 -9.98 -6.60 -0.79
C LEU A 231 -10.45 -5.46 -1.70
N ALA A 232 -9.82 -4.30 -1.57
CA ALA A 232 -10.18 -3.18 -2.46
C ALA A 232 -9.94 -3.58 -3.92
N ASN A 233 -8.81 -4.23 -4.17
CA ASN A 233 -8.45 -4.51 -5.55
C ASN A 233 -9.38 -5.61 -6.09
N VAL A 234 -9.62 -6.62 -5.28
CA VAL A 234 -10.55 -7.65 -5.74
C VAL A 234 -11.90 -7.00 -6.11
N ASN A 235 -12.43 -6.16 -5.23
CA ASN A 235 -13.79 -5.60 -5.45
C ASN A 235 -13.80 -4.63 -6.61
N ALA A 236 -12.70 -3.86 -6.78
CA ALA A 236 -12.64 -2.90 -7.87
C ALA A 236 -12.69 -3.61 -9.26
N PHE A 237 -11.94 -4.68 -9.39
CA PHE A 237 -11.95 -5.47 -10.64
C PHE A 237 -13.21 -6.30 -10.78
N TYR A 238 -13.78 -6.80 -9.68
CA TYR A 238 -15.02 -7.61 -9.74
C TYR A 238 -16.09 -6.70 -10.34
N ARG A 239 -16.12 -5.45 -9.87
CA ARG A 239 -17.10 -4.53 -10.39
C ARG A 239 -16.81 -4.09 -11.85
N ARG A 240 -15.55 -3.90 -12.23
CA ARG A 240 -15.25 -3.31 -13.52
C ARG A 240 -15.09 -4.40 -14.62
N CYS A 241 -14.97 -5.67 -14.26
CA CYS A 241 -14.75 -6.74 -15.28
C CYS A 241 -15.79 -7.79 -15.14
N PRO A 242 -17.05 -7.47 -15.53
CA PRO A 242 -18.14 -8.35 -15.22
C PRO A 242 -18.08 -9.65 -16.04
N ASP A 243 -17.35 -9.67 -17.15
CA ASP A 243 -17.22 -10.94 -17.88
C ASP A 243 -16.03 -11.84 -17.47
N LYS A 244 -15.24 -11.45 -16.46
CA LYS A 244 -13.99 -12.20 -16.07
C LYS A 244 -14.17 -12.69 -14.65
N LEU A 245 -13.41 -13.73 -14.24
CA LEU A 245 -13.32 -14.13 -12.83
C LEU A 245 -12.28 -13.29 -12.09
N VAL A 246 -12.45 -13.10 -10.77
CA VAL A 246 -11.41 -12.45 -9.99
C VAL A 246 -10.95 -13.50 -8.97
N PHE A 247 -9.65 -13.69 -8.82
CA PHE A 247 -9.11 -14.57 -7.75
C PHE A 247 -8.50 -13.62 -6.72
N GLY A 248 -8.71 -13.90 -5.43
CA GLY A 248 -8.25 -12.91 -4.46
C GLY A 248 -6.99 -13.47 -3.87
N CYS A 249 -6.06 -12.59 -3.53
CA CYS A 249 -4.79 -13.01 -2.89
C CYS A 249 -4.36 -11.83 -2.01
N GLY A 250 -4.07 -12.03 -0.72
CA GLY A 250 -3.43 -10.95 0.11
C GLY A 250 -4.04 -11.06 1.47
N GLY A 251 -3.21 -11.37 2.47
CA GLY A 251 -3.69 -11.31 3.82
C GLY A 251 -4.63 -12.41 4.31
N VAL A 252 -4.68 -13.55 3.64
CA VAL A 252 -5.56 -14.63 4.09
C VAL A 252 -4.87 -15.44 5.16
N TYR A 253 -5.31 -15.31 6.41
CA TYR A 253 -4.86 -16.19 7.52
C TYR A 253 -5.98 -17.05 8.08
N SER A 254 -7.23 -16.84 7.67
CA SER A 254 -8.33 -17.52 8.43
C SER A 254 -9.48 -17.64 7.47
N GLY A 255 -10.47 -18.46 7.83
CA GLY A 255 -11.63 -18.70 6.98
C GLY A 255 -12.40 -17.38 6.90
N GLU A 256 -12.29 -16.60 7.95
CA GLU A 256 -12.93 -15.30 7.93
C GLU A 256 -12.31 -14.35 6.96
N ASP A 257 -10.97 -14.31 6.85
CA ASP A 257 -10.35 -13.51 5.72
C ASP A 257 -10.77 -14.03 4.33
N ALA A 258 -10.90 -15.35 4.21
CA ALA A 258 -11.33 -15.96 2.96
C ALA A 258 -12.76 -15.52 2.61
N PHE A 259 -13.61 -15.57 3.62
CA PHE A 259 -14.99 -15.09 3.53
C PHE A 259 -15.09 -13.61 3.06
N LEU A 260 -14.20 -12.75 3.56
CA LEU A 260 -14.17 -11.34 3.08
C LEU A 260 -13.77 -11.24 1.62
N HIS A 261 -12.67 -11.92 1.24
CA HIS A 261 -12.32 -11.95 -0.15
C HIS A 261 -13.50 -12.36 -1.03
N ILE A 262 -14.23 -13.43 -0.59
CA ILE A 262 -15.29 -13.98 -1.44
C ILE A 262 -16.43 -12.96 -1.50
N LEU A 263 -16.86 -12.37 -0.36
CA LEU A 263 -17.81 -11.27 -0.48
C LEU A 263 -17.38 -10.10 -1.37
N ALA A 264 -16.13 -9.77 -1.41
CA ALA A 264 -15.56 -8.78 -2.30
C ALA A 264 -15.67 -9.16 -3.79
N GLY A 265 -15.77 -10.46 -4.04
CA GLY A 265 -15.89 -11.02 -5.36
C GLY A 265 -14.98 -12.16 -5.80
N ALA A 266 -14.10 -12.64 -4.92
CA ALA A 266 -13.19 -13.69 -5.23
C ALA A 266 -13.87 -15.03 -5.61
N SER A 267 -13.32 -15.68 -6.61
CA SER A 267 -13.65 -17.02 -6.93
C SER A 267 -12.65 -17.95 -6.23
N MET A 268 -11.47 -18.11 -6.76
CA MET A 268 -10.38 -18.71 -6.04
C MET A 268 -9.80 -17.74 -4.96
N VAL A 269 -9.23 -18.31 -3.94
CA VAL A 269 -8.58 -17.57 -2.90
C VAL A 269 -7.17 -18.12 -2.63
N GLN A 270 -6.13 -17.32 -2.82
CA GLN A 270 -4.80 -17.83 -2.69
C GLN A 270 -4.18 -17.42 -1.35
N VAL A 271 -3.21 -18.23 -0.91
CA VAL A 271 -2.65 -18.07 0.42
C VAL A 271 -1.12 -18.06 0.29
N GLY A 272 -0.50 -16.92 0.60
CA GLY A 272 0.97 -16.77 0.46
C GLY A 272 1.64 -16.78 1.81
N THR A 273 1.81 -15.62 2.43
CA THR A 273 2.56 -15.54 3.72
C THR A 273 2.03 -16.56 4.73
N ALA A 274 0.73 -16.68 4.91
CA ALA A 274 0.27 -17.51 6.06
C ALA A 274 0.64 -18.97 5.78
N LEU A 275 0.65 -19.36 4.48
CA LEU A 275 1.06 -20.70 4.04
C LEU A 275 2.58 -20.93 4.27
N GLN A 276 3.39 -19.94 3.90
CA GLN A 276 4.81 -19.99 4.15
C GLN A 276 5.09 -20.20 5.63
N GLU A 277 4.32 -19.51 6.50
CA GLU A 277 4.54 -19.56 7.95
C GLU A 277 3.92 -20.78 8.63
N GLU A 278 2.75 -21.19 8.23
CA GLU A 278 2.10 -22.28 8.91
C GLU A 278 2.28 -23.63 8.24
N GLY A 279 2.54 -23.65 6.91
CA GLY A 279 2.67 -24.92 6.18
C GLY A 279 1.30 -25.43 5.61
N PRO A 280 1.31 -26.50 4.81
CA PRO A 280 0.13 -26.85 4.02
C PRO A 280 -1.00 -27.38 4.88
N GLY A 281 -0.76 -27.67 6.15
CA GLY A 281 -1.89 -27.93 7.09
C GLY A 281 -2.91 -26.80 7.17
N ILE A 282 -2.53 -25.61 6.76
CA ILE A 282 -3.42 -24.45 6.84
C ILE A 282 -4.69 -24.66 6.02
N PHE A 283 -4.57 -25.44 4.95
CA PHE A 283 -5.71 -25.61 4.09
C PHE A 283 -6.89 -26.35 4.76
N THR A 284 -6.61 -27.30 5.64
CA THR A 284 -7.79 -28.00 6.32
C THR A 284 -8.42 -27.05 7.31
N ARG A 285 -7.60 -26.21 7.94
CA ARG A 285 -8.09 -25.23 8.92
C ARG A 285 -8.94 -24.22 8.20
N LEU A 286 -8.41 -23.71 7.10
CA LEU A 286 -9.17 -22.67 6.35
C LEU A 286 -10.54 -23.21 5.89
N GLU A 287 -10.56 -24.44 5.39
CA GLU A 287 -11.85 -25.00 4.92
C GLU A 287 -12.86 -25.15 6.05
N ASP A 288 -12.40 -25.66 7.19
CA ASP A 288 -13.20 -25.81 8.40
C ASP A 288 -13.76 -24.46 8.86
N GLU A 289 -12.88 -23.47 9.01
CA GLU A 289 -13.26 -22.15 9.44
C GLU A 289 -14.24 -21.50 8.51
N LEU A 290 -14.04 -21.63 7.19
CA LEU A 290 -14.98 -21.04 6.24
C LEU A 290 -16.36 -21.78 6.30
N LEU A 291 -16.36 -23.11 6.37
CA LEU A 291 -17.63 -23.85 6.51
C LEU A 291 -18.38 -23.50 7.80
N GLU A 292 -17.66 -23.24 8.90
CA GLU A 292 -18.32 -22.80 10.12
C GLU A 292 -19.03 -21.46 9.95
N ILE A 293 -18.35 -20.49 9.29
CA ILE A 293 -18.98 -19.16 9.05
C ILE A 293 -20.24 -19.31 8.17
N MET A 294 -20.11 -20.09 7.12
CA MET A 294 -21.24 -20.37 6.28
C MET A 294 -22.40 -21.03 7.04
N ALA A 295 -22.09 -21.98 7.90
CA ALA A 295 -23.15 -22.73 8.60
C ALA A 295 -23.91 -21.76 9.52
N ARG A 296 -23.16 -20.93 10.22
CA ARG A 296 -23.75 -19.93 11.10
C ARG A 296 -24.63 -18.90 10.38
N LYS A 297 -24.36 -18.65 9.09
CA LYS A 297 -25.11 -17.69 8.30
C LYS A 297 -26.16 -18.36 7.44
N GLY A 298 -26.20 -19.68 7.41
CA GLY A 298 -27.18 -20.31 6.54
C GLY A 298 -26.79 -20.37 5.06
N TYR A 299 -25.53 -20.12 4.70
CA TYR A 299 -25.08 -20.19 3.30
C TYR A 299 -24.75 -21.65 2.95
N ARG A 300 -25.27 -22.14 1.84
CA ARG A 300 -24.94 -23.53 1.48
C ARG A 300 -23.86 -23.68 0.38
N THR A 301 -23.68 -22.63 -0.42
CA THR A 301 -22.67 -22.67 -1.47
C THR A 301 -21.98 -21.28 -1.50
N LEU A 302 -20.82 -21.25 -2.16
CA LEU A 302 -20.04 -19.99 -2.34
C LEU A 302 -20.79 -18.94 -3.16
N GLU A 303 -21.55 -19.37 -4.18
CA GLU A 303 -22.26 -18.43 -5.07
C GLU A 303 -23.34 -17.68 -4.30
N GLU A 304 -23.78 -18.21 -3.16
CA GLU A 304 -24.81 -17.47 -2.43
C GLU A 304 -24.29 -16.11 -1.92
N PHE A 305 -22.98 -15.99 -1.68
CA PHE A 305 -22.45 -14.73 -1.13
C PHE A 305 -21.29 -14.11 -1.92
N ARG A 306 -20.88 -14.72 -3.06
CA ARG A 306 -19.74 -14.19 -3.76
C ARG A 306 -20.13 -12.83 -4.34
N GLY A 307 -19.34 -11.82 -4.04
CA GLY A 307 -19.57 -10.51 -4.68
C GLY A 307 -20.70 -9.73 -4.00
N ARG A 308 -21.25 -10.25 -2.91
CA ARG A 308 -22.47 -9.65 -2.33
C ARG A 308 -22.17 -8.70 -1.14
N VAL A 309 -20.95 -8.16 -1.08
CA VAL A 309 -20.60 -7.23 -0.01
C VAL A 309 -21.62 -6.09 -0.07
N LYS A 310 -22.16 -5.63 1.05
CA LYS A 310 -23.18 -4.54 1.04
C LYS A 310 -22.48 -3.22 1.18
N THR A 311 -22.95 -2.21 0.49
CA THR A 311 -22.50 -0.82 0.76
C THR A 311 -23.52 -0.09 1.66
N ILE A 312 -23.17 1.06 2.21
CA ILE A 312 -24.08 1.76 3.12
C ILE A 312 -24.91 2.73 2.27
N GLU A 313 -26.23 2.57 2.25
CA GLU A 313 -27.11 3.27 1.27
C GLU A 313 -26.71 2.81 -0.17
N MET B 1 18.59 14.91 30.16
CA MET B 1 18.38 14.48 28.73
C MET B 1 16.98 14.86 28.19
N CYS B 2 16.95 15.40 26.98
CA CYS B 2 15.68 15.88 26.40
C CYS B 2 15.77 15.79 24.88
N LEU B 3 14.62 15.88 24.21
CA LEU B 3 14.47 15.61 22.78
C LEU B 3 14.36 16.90 21.93
N LYS B 4 14.77 18.05 22.49
CA LYS B 4 14.71 19.36 21.82
C LYS B 4 15.48 19.39 20.47
N LEU B 5 14.95 20.07 19.44
CA LEU B 5 15.63 20.21 18.15
C LEU B 5 15.33 21.53 17.45
N ASN B 6 16.14 21.93 16.48
CA ASN B 6 15.94 23.14 15.73
C ASN B 6 15.86 22.81 14.27
N LEU B 7 14.80 23.22 13.59
N LEU B 7 14.74 23.18 13.62
CA LEU B 7 14.85 23.20 12.14
CA LEU B 7 14.47 22.93 12.18
C LEU B 7 13.88 24.15 11.52
C LEU B 7 13.81 24.13 11.53
N LEU B 8 14.13 24.43 10.26
CA LEU B 8 13.38 25.43 9.52
C LEU B 8 13.38 26.74 10.33
N ASP B 9 14.44 26.99 11.05
CA ASP B 9 14.56 28.22 11.84
C ASP B 9 13.62 28.30 13.04
N HIS B 10 13.16 27.17 13.58
CA HIS B 10 12.31 27.16 14.74
C HIS B 10 12.82 26.15 15.73
N VAL B 11 12.43 26.34 16.96
CA VAL B 11 12.82 25.42 17.99
C VAL B 11 11.66 24.50 18.30
N PHE B 12 11.92 23.21 18.48
CA PHE B 12 10.82 22.27 18.81
C PHE B 12 11.25 21.49 20.05
N ALA B 13 10.37 21.41 21.05
CA ALA B 13 10.63 20.69 22.33
C ALA B 13 10.82 19.22 22.08
N ASN B 14 10.24 18.66 21.00
CA ASN B 14 10.47 17.22 20.69
C ASN B 14 10.01 17.07 19.24
N PRO B 15 10.31 15.95 18.57
CA PRO B 15 10.01 15.77 17.17
C PRO B 15 8.51 15.39 16.87
N PHE B 16 7.65 15.30 17.88
CA PHE B 16 6.25 14.82 17.64
C PHE B 16 5.25 15.91 17.30
N MET B 17 4.29 15.55 16.43
CA MET B 17 3.16 16.45 16.13
C MET B 17 2.02 15.59 15.66
N ASN B 18 0.82 16.20 15.57
CA ASN B 18 -0.34 15.50 14.99
C ASN B 18 -0.03 15.40 13.48
N ALA B 19 -0.62 14.39 12.84
CA ALA B 19 -0.78 14.36 11.43
C ALA B 19 -1.94 15.27 11.01
N ALA B 20 -1.80 15.91 9.84
CA ALA B 20 -2.87 16.79 9.34
C ALA B 20 -4.19 15.98 9.22
N GLY B 21 -5.29 16.60 9.60
CA GLY B 21 -6.61 15.99 9.64
C GLY B 21 -7.03 15.37 10.96
N VAL B 22 -6.08 15.13 11.84
CA VAL B 22 -6.37 14.56 13.13
C VAL B 22 -6.26 15.65 14.21
N LEU B 23 -7.34 15.84 14.95
CA LEU B 23 -7.41 16.76 16.10
C LEU B 23 -6.94 18.17 15.75
N CYS B 24 -7.42 18.66 14.63
CA CYS B 24 -6.98 19.92 14.16
C CYS B 24 -7.91 20.72 13.27
N SER B 25 -9.19 20.43 13.32
CA SER B 25 -10.21 21.04 12.52
C SER B 25 -10.84 22.34 13.05
N THR B 26 -11.01 22.42 14.35
CA THR B 26 -11.71 23.47 15.02
C THR B 26 -10.82 24.23 16.01
N GLU B 27 -11.25 25.38 16.47
CA GLU B 27 -10.45 26.17 17.38
C GLU B 27 -10.24 25.36 18.66
N GLU B 28 -11.29 24.70 19.06
CA GLU B 28 -11.17 23.74 20.20
C GLU B 28 -10.06 22.69 20.02
N ASP B 29 -10.02 22.03 18.84
CA ASP B 29 -8.99 21.02 18.50
C ASP B 29 -7.54 21.60 18.59
N LEU B 30 -7.36 22.77 17.97
CA LEU B 30 -6.03 23.42 17.83
C LEU B 30 -5.56 23.84 19.22
N ARG B 31 -6.48 24.35 20.04
N ARG B 31 -6.49 24.36 20.03
CA ARG B 31 -6.12 24.72 21.41
CA ARG B 31 -6.21 24.74 21.43
C ARG B 31 -5.75 23.49 22.26
C ARG B 31 -5.75 23.50 22.23
N CYS B 32 -6.47 22.39 22.06
CA CYS B 32 -6.11 21.16 22.71
C CYS B 32 -4.71 20.63 22.21
N MET B 33 -4.49 20.56 20.87
CA MET B 33 -3.17 20.22 20.36
C MET B 33 -2.07 21.18 20.94
N THR B 34 -2.37 22.46 21.07
CA THR B 34 -1.41 23.42 21.66
C THR B 34 -1.06 23.12 23.13
N ALA B 35 -2.08 22.76 23.90
CA ALA B 35 -1.94 22.43 25.31
C ALA B 35 -1.27 21.07 25.52
N SER B 36 -1.22 20.20 24.50
CA SER B 36 -0.54 18.91 24.62
C SER B 36 0.99 19.04 24.72
N SER B 37 1.65 17.91 25.00
CA SER B 37 3.09 17.88 25.03
C SER B 37 3.69 17.71 23.64
N SER B 38 2.90 17.81 22.58
CA SER B 38 3.51 17.67 21.24
C SER B 38 4.54 18.78 21.02
N GLY B 39 5.49 18.50 20.14
CA GLY B 39 6.47 19.47 19.71
C GLY B 39 5.95 20.55 18.78
N ALA B 40 4.87 20.31 17.99
CA ALA B 40 4.37 21.28 17.00
C ALA B 40 2.95 20.84 16.69
N LEU B 41 2.18 21.61 15.90
CA LEU B 41 0.88 21.08 15.46
C LEU B 41 0.68 21.50 14.03
N VAL B 42 -0.21 20.80 13.32
CA VAL B 42 -0.54 21.14 11.98
C VAL B 42 -2.06 21.28 11.87
N SER B 43 -2.55 22.35 11.24
CA SER B 43 -4.01 22.50 11.05
C SER B 43 -4.57 21.50 10.02
N LYS B 44 -5.90 21.32 10.00
CA LYS B 44 -6.55 20.50 8.95
C LYS B 44 -6.29 21.06 7.54
N SER B 45 -6.04 20.21 6.52
CA SER B 45 -5.91 20.73 5.16
C SER B 45 -7.17 21.55 4.80
N CYS B 46 -6.98 22.79 4.35
CA CYS B 46 -8.16 23.61 4.01
C CYS B 46 -8.32 23.96 2.53
N THR B 47 -9.54 24.37 2.18
CA THR B 47 -9.89 24.89 0.89
C THR B 47 -10.32 26.37 1.12
N SER B 48 -10.52 27.14 0.03
CA SER B 48 -10.86 28.59 0.16
C SER B 48 -12.18 28.79 0.89
N ALA B 49 -13.18 27.99 0.52
CA ALA B 49 -14.50 28.00 1.16
C ALA B 49 -14.63 26.80 2.16
N PRO B 50 -15.43 26.95 3.25
CA PRO B 50 -15.73 25.87 4.21
C PRO B 50 -16.30 24.67 3.47
N ARG B 51 -16.08 23.44 3.96
CA ARG B 51 -16.71 22.25 3.37
C ARG B 51 -17.24 21.36 4.46
N ASP B 52 -18.39 20.73 4.19
CA ASP B 52 -19.00 19.80 5.15
C ASP B 52 -18.33 18.41 5.05
N GLY B 53 -17.72 18.10 3.91
CA GLY B 53 -17.13 16.79 3.70
C GLY B 53 -18.16 15.75 3.27
N ASN B 54 -17.75 14.50 3.33
CA ASN B 54 -18.66 13.36 3.00
C ASN B 54 -19.65 12.94 4.06
N PRO B 55 -20.72 12.19 3.63
CA PRO B 55 -21.71 11.61 4.56
C PRO B 55 -21.06 10.66 5.59
N GLU B 56 -21.58 10.62 6.83
CA GLU B 56 -21.11 9.70 7.88
C GLU B 56 -21.76 8.29 7.78
N PRO B 57 -21.10 7.23 8.25
CA PRO B 57 -19.78 7.09 8.86
C PRO B 57 -18.71 7.25 7.76
N ARG B 58 -17.62 7.96 8.08
CA ARG B 58 -16.66 8.29 7.05
C ARG B 58 -15.23 8.05 7.62
N TYR B 59 -15.16 7.63 8.87
CA TYR B 59 -13.89 7.19 9.50
C TYR B 59 -14.17 5.98 10.35
N MET B 60 -13.34 4.91 10.29
CA MET B 60 -13.52 3.86 11.30
C MET B 60 -12.15 3.31 11.68
N ALA B 61 -11.92 2.94 12.95
CA ALA B 61 -10.60 2.35 13.32
C ALA B 61 -10.78 0.92 13.86
N PHE B 62 -9.69 0.15 13.84
CA PHE B 62 -9.70 -1.27 14.17
C PHE B 62 -8.38 -1.55 14.80
N PRO B 63 -8.20 -2.79 15.31
CA PRO B 63 -6.96 -3.05 16.00
C PRO B 63 -5.74 -2.75 15.12
N LEU B 64 -5.80 -2.97 13.80
CA LEU B 64 -4.60 -2.73 13.01
C LEU B 64 -4.52 -1.36 12.26
N GLY B 65 -5.53 -0.50 12.46
CA GLY B 65 -5.45 0.81 11.85
C GLY B 65 -6.76 1.38 11.46
N SER B 66 -6.77 2.30 10.51
CA SER B 66 -8.02 3.03 10.27
C SER B 66 -8.30 3.13 8.77
N ILE B 67 -9.54 3.46 8.46
CA ILE B 67 -9.88 3.80 7.07
C ILE B 67 -10.71 5.08 7.10
N ASN B 68 -10.45 5.99 6.16
CA ASN B 68 -11.28 7.19 6.11
C ASN B 68 -11.56 7.64 4.71
N SER B 69 -12.72 8.28 4.55
CA SER B 69 -12.95 9.05 3.38
C SER B 69 -13.67 10.32 3.82
N MET B 70 -12.93 11.24 4.45
CA MET B 70 -13.61 12.33 5.17
C MET B 70 -14.21 13.29 4.12
N GLY B 71 -13.55 13.45 2.97
CA GLY B 71 -14.04 14.42 1.99
C GLY B 71 -13.59 15.88 2.22
N LEU B 72 -12.47 16.05 2.91
N LEU B 72 -12.47 16.04 2.91
CA LEU B 72 -11.87 17.36 3.17
CA LEU B 72 -11.89 17.36 3.16
C LEU B 72 -12.84 18.33 3.88
C LEU B 72 -12.84 18.33 3.88
N PRO B 73 -13.55 17.84 4.93
CA PRO B 73 -14.36 18.79 5.73
C PRO B 73 -13.40 19.75 6.44
N ASN B 74 -13.72 21.05 6.42
CA ASN B 74 -12.83 22.02 7.04
C ASN B 74 -13.56 23.36 7.18
N LEU B 75 -13.06 24.20 8.08
CA LEU B 75 -13.70 25.49 8.29
C LEU B 75 -13.38 26.62 7.30
N GLY B 76 -12.58 26.32 6.27
CA GLY B 76 -12.18 27.30 5.31
C GLY B 76 -10.88 28.01 5.64
N PHE B 77 -10.17 28.35 4.60
CA PHE B 77 -8.88 29.00 4.74
C PHE B 77 -8.95 30.26 5.62
N ASP B 78 -9.99 31.08 5.45
CA ASP B 78 -10.10 32.31 6.32
C ASP B 78 -10.00 31.99 7.81
N PHE B 79 -10.65 30.87 8.22
CA PHE B 79 -10.57 30.50 9.65
C PHE B 79 -9.14 30.09 10.09
N TYR B 80 -8.48 29.23 9.29
CA TYR B 80 -7.12 28.78 9.70
C TYR B 80 -6.15 29.97 9.60
N LEU B 81 -6.37 30.86 8.63
CA LEU B 81 -5.48 32.05 8.52
C LEU B 81 -5.58 32.93 9.74
N LYS B 82 -6.83 33.16 10.18
CA LYS B 82 -7.12 33.91 11.42
C LYS B 82 -6.56 33.21 12.65
N TYR B 83 -6.73 31.89 12.73
CA TYR B 83 -6.04 31.13 13.78
C TYR B 83 -4.53 31.39 13.75
N ALA B 84 -3.90 31.29 12.57
CA ALA B 84 -2.47 31.48 12.54
C ALA B 84 -2.04 32.93 12.88
N SER B 85 -2.84 33.88 12.41
N SER B 85 -2.83 33.88 12.43
CA SER B 85 -2.49 35.29 12.53
CA SER B 85 -2.43 35.29 12.56
C SER B 85 -2.80 35.90 13.90
C SER B 85 -2.80 35.91 13.91
N ASP B 86 -3.92 35.52 14.52
CA ASP B 86 -4.40 36.17 15.78
C ASP B 86 -4.50 35.29 17.01
N LEU B 87 -4.70 33.99 16.82
CA LEU B 87 -5.08 33.10 17.98
C LEU B 87 -3.98 32.15 18.48
N HIS B 88 -3.08 31.69 17.63
CA HIS B 88 -2.15 30.68 18.07
C HIS B 88 -1.10 31.30 18.99
N ASP B 89 -0.72 30.58 20.05
CA ASP B 89 0.34 31.08 20.90
C ASP B 89 1.68 30.52 20.43
N TYR B 90 2.46 31.31 19.72
CA TYR B 90 3.71 30.81 19.18
C TYR B 90 4.77 30.58 20.25
N SER B 91 4.57 31.10 21.47
CA SER B 91 5.53 30.87 22.55
C SER B 91 5.41 29.42 23.04
N LYS B 92 4.25 28.79 22.82
CA LYS B 92 4.03 27.37 23.15
C LYS B 92 4.67 26.39 22.15
N LYS B 93 4.50 26.60 20.85
CA LYS B 93 5.15 25.68 19.89
C LYS B 93 4.91 26.18 18.51
N PRO B 94 5.67 25.67 17.52
CA PRO B 94 5.37 26.07 16.16
C PRO B 94 4.06 25.56 15.61
N LEU B 95 3.54 26.29 14.67
CA LEU B 95 2.35 25.90 13.89
C LEU B 95 2.67 25.75 12.38
N PHE B 96 2.15 24.67 11.79
CA PHE B 96 2.11 24.43 10.36
C PHE B 96 0.67 24.56 9.91
N LEU B 97 0.49 25.13 8.73
CA LEU B 97 -0.84 25.21 8.16
C LEU B 97 -0.88 24.36 6.88
N SER B 98 -1.80 23.38 6.81
CA SER B 98 -1.88 22.50 5.64
C SER B 98 -2.92 23.10 4.63
N ILE B 99 -2.55 23.21 3.36
CA ILE B 99 -3.53 23.66 2.37
C ILE B 99 -3.71 22.62 1.31
N SER B 100 -4.97 22.47 0.88
CA SER B 100 -5.30 21.43 -0.08
C SER B 100 -6.38 21.91 -1.02
N GLY B 101 -6.06 22.94 -1.80
CA GLY B 101 -7.04 23.49 -2.79
C GLY B 101 -7.28 22.50 -3.92
N LEU B 102 -8.48 22.60 -4.52
CA LEU B 102 -8.87 21.64 -5.55
C LEU B 102 -8.30 21.97 -6.94
N SER B 103 -7.63 23.12 -7.10
CA SER B 103 -6.96 23.45 -8.35
C SER B 103 -5.71 24.24 -7.98
N VAL B 104 -4.80 24.35 -8.92
CA VAL B 104 -3.61 25.18 -8.75
C VAL B 104 -3.93 26.62 -8.42
N GLU B 105 -4.94 27.16 -9.11
CA GLU B 105 -5.34 28.56 -8.90
C GLU B 105 -5.80 28.78 -7.47
N GLU B 106 -6.56 27.83 -6.97
CA GLU B 106 -7.08 27.98 -5.59
C GLU B 106 -5.90 27.97 -4.58
N ASN B 107 -4.95 27.06 -4.80
CA ASN B 107 -3.72 27.02 -3.98
C ASN B 107 -2.91 28.29 -4.07
N VAL B 108 -2.69 28.77 -5.30
CA VAL B 108 -2.02 30.07 -5.49
C VAL B 108 -2.75 31.21 -4.73
N ALA B 109 -4.06 31.29 -4.86
CA ALA B 109 -4.82 32.32 -4.10
C ALA B 109 -4.62 32.23 -2.55
N MET B 110 -4.62 31.01 -1.98
CA MET B 110 -4.41 30.88 -0.51
C MET B 110 -2.97 31.19 -0.15
N VAL B 111 -1.96 30.70 -0.93
CA VAL B 111 -0.55 30.98 -0.46
C VAL B 111 -0.15 32.50 -0.55
N ARG B 112 -0.69 33.20 -1.55
CA ARG B 112 -0.40 34.68 -1.65
C ARG B 112 -0.84 35.34 -0.34
N ARG B 113 -2.00 34.93 0.20
CA ARG B 113 -2.50 35.50 1.47
C ARG B 113 -1.75 35.01 2.72
N LEU B 114 -1.21 33.78 2.66
CA LEU B 114 -0.52 33.24 3.82
C LEU B 114 0.89 33.87 3.94
N ALA B 115 1.49 34.22 2.79
CA ALA B 115 2.87 34.74 2.79
C ALA B 115 3.21 35.81 3.89
N PRO B 116 2.40 36.88 4.00
CA PRO B 116 2.80 37.93 4.97
C PRO B 116 2.61 37.47 6.41
N VAL B 117 1.68 36.53 6.63
CA VAL B 117 1.54 36.00 8.01
C VAL B 117 2.72 35.06 8.32
N ALA B 118 3.16 34.28 7.32
CA ALA B 118 4.37 33.43 7.48
C ALA B 118 5.60 34.30 7.85
N GLN B 119 5.76 35.43 7.15
CA GLN B 119 6.84 36.41 7.44
C GLN B 119 6.70 36.99 8.84
N GLU B 120 5.51 37.38 9.21
CA GLU B 120 5.34 38.11 10.46
C GLU B 120 5.40 37.19 11.71
N LYS B 121 4.70 36.04 11.64
CA LYS B 121 4.39 35.19 12.79
C LYS B 121 5.23 33.89 12.74
N GLY B 122 5.70 33.51 11.55
CA GLY B 122 6.45 32.25 11.38
C GLY B 122 5.67 30.92 11.23
N VAL B 123 4.38 30.99 10.95
CA VAL B 123 3.60 29.84 10.60
C VAL B 123 4.26 29.23 9.35
N LEU B 124 4.34 27.92 9.29
CA LEU B 124 4.94 27.19 8.20
C LEU B 124 3.92 26.54 7.30
N LEU B 125 4.20 26.42 6.03
CA LEU B 125 3.26 25.85 5.09
C LEU B 125 3.56 24.39 4.71
N GLU B 126 2.53 23.53 4.78
CA GLU B 126 2.52 22.17 4.24
C GLU B 126 1.48 22.10 3.10
N LEU B 127 1.97 21.87 1.91
CA LEU B 127 1.12 21.79 0.75
C LEU B 127 0.73 20.32 0.52
N ASN B 128 -0.53 20.04 0.59
CA ASN B 128 -1.02 18.69 0.48
C ASN B 128 -1.34 18.32 -0.97
N LEU B 129 -0.59 17.41 -1.54
CA LEU B 129 -0.73 17.04 -2.95
C LEU B 129 -1.72 15.91 -3.25
N SER B 130 -2.71 15.73 -2.38
CA SER B 130 -3.77 14.74 -2.48
C SER B 130 -5.17 15.34 -2.49
N CYS B 131 -6.00 14.91 -3.44
CA CYS B 131 -7.39 15.37 -3.52
C CYS B 131 -8.48 14.37 -3.90
N PRO B 132 -9.79 14.86 -3.74
CA PRO B 132 -10.83 13.91 -4.13
C PRO B 132 -10.70 13.47 -5.59
N ASN B 133 -11.10 12.23 -5.88
CA ASN B 133 -11.02 11.67 -7.24
C ASN B 133 -11.80 12.46 -8.29
N VAL B 134 -11.16 12.70 -9.41
CA VAL B 134 -11.76 13.29 -10.60
C VAL B 134 -11.69 12.22 -11.68
N PRO B 135 -12.92 11.73 -12.14
CA PRO B 135 -12.79 10.66 -13.13
C PRO B 135 -12.05 11.08 -14.42
N GLY B 136 -11.21 10.16 -14.88
CA GLY B 136 -10.32 10.38 -15.98
C GLY B 136 -8.96 10.97 -15.66
N LYS B 137 -8.68 11.39 -14.43
CA LYS B 137 -7.32 11.87 -14.09
C LYS B 137 -6.68 11.36 -12.78
N PRO B 138 -5.38 11.03 -12.81
CA PRO B 138 -4.76 10.53 -11.56
C PRO B 138 -4.58 11.65 -10.52
N GLN B 139 -4.40 11.25 -9.26
CA GLN B 139 -3.97 12.13 -8.19
C GLN B 139 -2.74 12.96 -8.62
N VAL B 140 -2.65 14.21 -8.15
CA VAL B 140 -1.59 15.13 -8.59
C VAL B 140 -0.20 14.53 -8.37
N ALA B 141 0.04 13.97 -7.19
CA ALA B 141 1.39 13.46 -6.89
C ALA B 141 1.72 12.21 -7.69
N TYR B 142 0.69 11.60 -8.33
CA TYR B 142 0.92 10.48 -9.25
C TYR B 142 1.00 10.91 -10.75
N ASP B 143 1.03 12.22 -10.99
CA ASP B 143 1.03 12.76 -12.33
C ASP B 143 2.15 13.78 -12.32
N PHE B 144 3.34 13.36 -12.75
CA PHE B 144 4.51 14.19 -12.43
C PHE B 144 4.52 15.57 -13.10
N GLU B 145 3.90 15.68 -14.26
CA GLU B 145 3.80 17.01 -14.89
C GLU B 145 2.86 17.97 -14.14
N ALA B 146 1.72 17.48 -13.64
CA ALA B 146 0.85 18.28 -12.80
C ALA B 146 1.56 18.64 -11.47
N MET B 147 2.22 17.67 -10.85
CA MET B 147 3.01 17.97 -9.66
C MET B 147 4.01 19.11 -9.94
N ARG B 148 4.77 19.00 -11.03
CA ARG B 148 5.73 20.06 -11.33
C ARG B 148 5.07 21.44 -11.51
N THR B 149 3.88 21.45 -12.11
CA THR B 149 3.09 22.69 -12.27
C THR B 149 2.67 23.29 -10.94
N TYR B 150 2.07 22.46 -10.08
CA TYR B 150 1.63 23.00 -8.80
C TYR B 150 2.83 23.60 -8.10
N LEU B 151 3.97 22.87 -8.09
CA LEU B 151 5.14 23.36 -7.33
C LEU B 151 5.75 24.63 -7.88
N GLN B 152 5.81 24.73 -9.22
N GLN B 152 5.80 24.74 -9.21
CA GLN B 152 6.33 25.94 -9.89
CA GLN B 152 6.33 25.94 -9.84
C GLN B 152 5.44 27.14 -9.46
C GLN B 152 5.44 27.14 -9.46
N GLN B 153 4.13 26.95 -9.56
CA GLN B 153 3.17 28.04 -9.32
C GLN B 153 3.18 28.46 -7.87
N VAL B 154 3.26 27.47 -6.95
CA VAL B 154 3.21 27.82 -5.54
C VAL B 154 4.51 28.47 -5.16
N SER B 155 5.62 27.92 -5.62
CA SER B 155 6.89 28.57 -5.19
C SER B 155 6.90 30.03 -5.68
N LEU B 156 6.45 30.27 -6.91
CA LEU B 156 6.37 31.67 -7.43
C LEU B 156 5.47 32.57 -6.56
N ALA B 157 4.28 32.07 -6.23
CA ALA B 157 3.28 32.84 -5.48
C ALA B 157 3.61 32.98 -4.01
N TYR B 158 4.29 32.01 -3.40
CA TYR B 158 4.52 32.05 -1.96
C TYR B 158 5.89 32.66 -1.63
N GLY B 159 6.90 32.24 -2.40
CA GLY B 159 8.21 32.88 -2.30
C GLY B 159 8.99 32.63 -1.03
N LEU B 160 8.49 31.74 -0.15
CA LEU B 160 9.14 31.43 1.15
C LEU B 160 9.31 29.89 1.31
N PRO B 161 10.13 29.43 2.27
CA PRO B 161 10.35 27.94 2.45
C PRO B 161 9.02 27.28 2.79
N PHE B 162 8.72 26.12 2.19
CA PHE B 162 7.48 25.41 2.54
C PHE B 162 7.74 23.91 2.37
N GLY B 163 6.77 23.10 2.73
CA GLY B 163 6.89 21.65 2.64
C GLY B 163 5.76 21.03 1.83
N VAL B 164 5.88 19.76 1.48
CA VAL B 164 4.83 19.12 0.72
C VAL B 164 4.49 17.77 1.40
N LYS B 165 3.21 17.45 1.48
CA LYS B 165 2.74 16.19 2.01
C LYS B 165 2.54 15.29 0.78
N MET B 166 3.21 14.15 0.78
CA MET B 166 3.19 13.24 -0.35
C MET B 166 2.38 11.94 -0.06
N PRO B 167 1.68 11.39 -1.07
CA PRO B 167 1.11 10.03 -0.92
C PRO B 167 2.24 9.00 -1.05
N PRO B 168 1.99 7.72 -0.65
CA PRO B 168 3.09 6.76 -0.74
C PRO B 168 3.35 6.41 -2.19
N TYR B 169 4.60 6.10 -2.50
CA TYR B 169 4.95 5.38 -3.75
C TYR B 169 5.34 3.97 -3.50
N PHE B 170 5.24 3.15 -4.56
CA PHE B 170 5.40 1.70 -4.47
C PHE B 170 6.34 1.12 -5.49
N ASP B 171 6.93 1.99 -6.29
CA ASP B 171 7.81 1.55 -7.35
C ASP B 171 9.12 2.41 -7.33
N ILE B 172 10.27 1.77 -7.49
CA ILE B 172 11.54 2.53 -7.44
C ILE B 172 11.63 3.65 -8.49
N ALA B 173 11.18 3.36 -9.69
CA ALA B 173 11.18 4.38 -10.72
C ALA B 173 10.40 5.58 -10.29
N HIS B 174 9.25 5.39 -9.61
CA HIS B 174 8.51 6.55 -9.09
C HIS B 174 9.22 7.32 -8.00
N PHE B 175 9.91 6.62 -7.09
CA PHE B 175 10.77 7.39 -6.16
C PHE B 175 11.75 8.31 -6.90
N ASP B 176 12.47 7.77 -7.89
CA ASP B 176 13.49 8.55 -8.61
C ASP B 176 12.82 9.73 -9.32
N THR B 177 11.67 9.50 -9.98
CA THR B 177 10.97 10.61 -10.67
C THR B 177 10.44 11.69 -9.69
N ALA B 178 9.70 11.27 -8.66
CA ALA B 178 9.13 12.21 -7.69
C ALA B 178 10.21 13.03 -7.02
N ALA B 179 11.30 12.35 -6.64
CA ALA B 179 12.37 13.11 -5.88
C ALA B 179 13.06 14.12 -6.83
N ALA B 180 13.22 13.74 -8.08
CA ALA B 180 13.83 14.65 -9.11
C ALA B 180 12.93 15.89 -9.28
N VAL B 181 11.62 15.68 -9.36
CA VAL B 181 10.68 16.82 -9.36
C VAL B 181 10.83 17.69 -8.12
N LEU B 182 10.84 17.08 -6.92
CA LEU B 182 10.95 17.88 -5.70
C LEU B 182 12.25 18.66 -5.62
N ASN B 183 13.33 18.00 -6.06
CA ASN B 183 14.66 18.65 -6.10
C ASN B 183 14.79 19.84 -7.09
N GLU B 184 13.85 20.00 -8.02
CA GLU B 184 13.83 21.23 -8.90
C GLU B 184 13.48 22.46 -8.11
N PHE B 185 12.96 22.27 -6.88
CA PHE B 185 12.38 23.42 -6.15
C PHE B 185 13.07 23.68 -4.84
N PRO B 186 14.02 24.66 -4.83
CA PRO B 186 14.79 25.00 -3.61
C PRO B 186 13.94 25.48 -2.46
N LEU B 187 12.73 25.99 -2.72
CA LEU B 187 11.88 26.50 -1.59
C LEU B 187 11.15 25.32 -0.89
N VAL B 188 11.12 24.13 -1.50
CA VAL B 188 10.51 22.97 -0.81
C VAL B 188 11.57 22.49 0.20
N LYS B 189 11.47 22.90 1.46
CA LYS B 189 12.51 22.56 2.44
C LYS B 189 12.22 21.23 3.18
N PHE B 190 10.98 20.74 3.15
CA PHE B 190 10.62 19.52 3.87
C PHE B 190 9.56 18.73 3.06
N VAL B 191 9.62 17.40 3.20
CA VAL B 191 8.74 16.54 2.50
C VAL B 191 8.14 15.66 3.60
N THR B 192 6.82 15.56 3.62
CA THR B 192 6.19 14.68 4.60
C THR B 192 5.75 13.36 3.94
N CYS B 193 6.27 12.23 4.46
CA CYS B 193 5.99 10.88 3.86
C CYS B 193 5.42 10.08 5.02
N VAL B 194 4.14 9.67 4.99
CA VAL B 194 3.26 9.61 3.87
C VAL B 194 1.83 9.96 4.24
N ASN B 195 1.04 10.33 3.24
CA ASN B 195 -0.39 10.38 3.42
C ASN B 195 -0.96 8.97 3.53
N SER B 196 -2.27 8.87 3.74
CA SER B 196 -2.84 7.52 3.88
C SER B 196 -2.65 6.65 2.61
N VAL B 197 -2.62 5.34 2.78
CA VAL B 197 -2.49 4.48 1.63
C VAL B 197 -3.87 4.40 0.91
N GLY B 198 -3.91 4.84 -0.34
CA GLY B 198 -5.16 5.15 -1.04
C GLY B 198 -6.05 3.95 -1.31
N ASN B 199 -7.34 4.22 -1.21
CA ASN B 199 -8.36 3.28 -1.67
C ASN B 199 -8.19 1.83 -1.18
N GLY B 200 -8.03 1.62 0.14
CA GLY B 200 -8.21 0.30 0.71
C GLY B 200 -9.74 0.07 0.96
N LEU B 201 -10.12 -1.09 1.46
CA LEU B 201 -11.53 -1.47 1.60
C LEU B 201 -11.58 -2.41 2.78
N VAL B 202 -12.28 -1.97 3.86
CA VAL B 202 -12.50 -2.80 5.03
C VAL B 202 -13.95 -3.30 4.96
N ILE B 203 -14.12 -4.62 5.21
CA ILE B 203 -15.43 -5.26 5.20
C ILE B 203 -15.61 -5.89 6.53
N ASP B 204 -16.81 -5.77 7.09
CA ASP B 204 -17.13 -6.43 8.36
C ASP B 204 -17.76 -7.83 8.09
N ALA B 205 -17.17 -8.93 8.61
CA ALA B 205 -17.71 -10.28 8.29
C ALA B 205 -19.14 -10.49 8.85
N GLU B 206 -19.42 -9.95 10.04
CA GLU B 206 -20.74 -10.20 10.69
C GLU B 206 -21.89 -9.59 9.89
N SER B 207 -21.74 -8.31 9.53
CA SER B 207 -22.75 -7.58 8.81
C SER B 207 -22.61 -7.74 7.26
N GLU B 208 -21.48 -8.29 6.79
CA GLU B 208 -21.19 -8.49 5.34
C GLU B 208 -21.25 -7.17 4.60
N SER B 209 -20.80 -6.11 5.29
CA SER B 209 -20.92 -4.77 4.81
C SER B 209 -19.59 -4.06 4.91
N VAL B 210 -19.35 -3.13 4.00
CA VAL B 210 -18.29 -2.16 4.15
C VAL B 210 -18.59 -1.30 5.41
N VAL B 211 -17.61 -0.53 5.87
CA VAL B 211 -17.72 0.11 7.16
C VAL B 211 -17.78 1.62 7.07
N ILE B 212 -17.53 2.18 5.87
CA ILE B 212 -17.71 3.59 5.75
C ILE B 212 -18.65 3.80 4.53
N LYS B 213 -19.36 4.92 4.54
CA LYS B 213 -20.47 5.19 3.55
C LYS B 213 -20.01 5.76 2.21
N PRO B 214 -19.07 6.74 2.20
CA PRO B 214 -18.66 7.31 0.91
C PRO B 214 -17.91 6.25 0.02
N LYS B 215 -18.02 6.43 -1.29
CA LYS B 215 -17.16 5.74 -2.25
C LYS B 215 -17.30 4.23 -2.14
N GLN B 216 -18.50 3.70 -1.84
CA GLN B 216 -18.71 2.27 -1.78
C GLN B 216 -17.80 1.58 -0.77
N GLY B 217 -17.41 2.32 0.27
CA GLY B 217 -16.58 1.76 1.33
C GLY B 217 -15.10 1.97 1.14
N PHE B 218 -14.68 2.49 0.00
CA PHE B 218 -13.19 2.62 -0.27
C PHE B 218 -12.67 3.89 0.44
N GLY B 219 -11.48 3.85 1.04
CA GLY B 219 -10.96 5.04 1.68
C GLY B 219 -9.48 4.87 2.00
N GLY B 220 -8.85 5.90 2.55
CA GLY B 220 -7.42 5.83 2.79
C GLY B 220 -7.14 5.07 4.08
N LEU B 221 -6.07 4.27 4.06
CA LEU B 221 -5.69 3.48 5.24
C LEU B 221 -4.57 4.15 6.05
N GLY B 222 -4.66 4.12 7.37
CA GLY B 222 -3.53 4.52 8.19
C GLY B 222 -3.33 3.50 9.31
N GLY B 223 -2.37 3.77 10.19
CA GLY B 223 -2.10 2.93 11.36
C GLY B 223 -1.16 1.77 11.05
N LYS B 224 -1.31 0.65 11.75
N LYS B 224 -1.30 0.65 11.75
CA LYS B 224 -0.32 -0.45 11.69
CA LYS B 224 -0.29 -0.43 11.67
C LYS B 224 -0.14 -1.08 10.30
C LYS B 224 -0.14 -1.07 10.29
N TYR B 225 -1.22 -1.05 9.50
CA TYR B 225 -1.14 -1.55 8.14
C TYR B 225 -0.04 -0.85 7.33
N ILE B 226 0.29 0.42 7.66
CA ILE B 226 1.09 1.16 6.68
C ILE B 226 2.49 1.51 7.14
N LEU B 227 2.87 1.05 8.32
CA LEU B 227 4.24 1.33 8.78
C LEU B 227 5.40 1.00 7.84
N PRO B 228 5.49 -0.24 7.30
CA PRO B 228 6.65 -0.47 6.42
C PRO B 228 6.61 0.35 5.15
N THR B 229 5.41 0.65 4.64
CA THR B 229 5.29 1.53 3.50
C THR B 229 5.74 2.94 3.86
N ALA B 230 5.36 3.40 5.04
CA ALA B 230 5.77 4.73 5.48
C ALA B 230 7.31 4.82 5.68
N LEU B 231 7.91 3.80 6.31
CA LEU B 231 9.36 3.77 6.43
C LEU B 231 10.10 3.74 5.13
N ALA B 232 9.57 2.98 4.14
CA ALA B 232 10.26 2.87 2.84
C ALA B 232 10.25 4.27 2.21
N ASN B 233 9.10 4.92 2.28
CA ASN B 233 9.03 6.23 1.65
C ASN B 233 9.94 7.28 2.35
N VAL B 234 9.89 7.39 3.68
CA VAL B 234 10.78 8.30 4.38
C VAL B 234 12.22 8.01 3.91
N ASN B 235 12.64 6.74 3.92
CA ASN B 235 14.05 6.44 3.62
C ASN B 235 14.39 6.73 2.16
N ALA B 236 13.45 6.43 1.22
CA ALA B 236 13.65 6.67 -0.23
C ALA B 236 13.88 8.18 -0.46
N PHE B 237 13.09 9.04 0.19
CA PHE B 237 13.23 10.51 0.04
C PHE B 237 14.42 11.03 0.84
N TYR B 238 14.72 10.40 1.96
CA TYR B 238 15.88 10.87 2.74
C TYR B 238 17.13 10.69 1.89
N ARG B 239 17.22 9.53 1.24
CA ARG B 239 18.39 9.24 0.39
C ARG B 239 18.45 10.16 -0.86
N ARG B 240 17.30 10.44 -1.48
CA ARG B 240 17.30 11.15 -2.73
C ARG B 240 17.26 12.70 -2.59
N CYS B 241 17.00 13.24 -1.38
CA CYS B 241 16.74 14.68 -1.17
C CYS B 241 17.66 15.17 -0.04
N PRO B 242 18.98 15.10 -0.30
CA PRO B 242 19.95 15.39 0.74
C PRO B 242 19.90 16.81 1.23
N ASP B 243 19.39 17.75 0.44
CA ASP B 243 19.24 19.15 0.90
C ASP B 243 17.87 19.51 1.52
N LYS B 244 17.01 18.52 1.73
CA LYS B 244 15.71 18.78 2.37
C LYS B 244 15.59 18.00 3.68
N LEU B 245 14.60 18.33 4.51
CA LEU B 245 14.25 17.47 5.64
C LEU B 245 13.12 16.52 5.20
N VAL B 246 13.03 15.35 5.84
CA VAL B 246 11.89 14.47 5.67
C VAL B 246 11.15 14.40 7.00
N PHE B 247 9.83 14.58 6.97
CA PHE B 247 8.99 14.31 8.16
C PHE B 247 8.32 12.96 7.93
N GLY B 248 8.34 12.12 8.95
CA GLY B 248 7.71 10.78 8.88
C GLY B 248 6.32 10.80 9.39
N CYS B 249 5.44 10.12 8.66
CA CYS B 249 4.04 9.95 9.08
C CYS B 249 3.63 8.54 8.69
N GLY B 250 3.10 7.75 9.61
CA GLY B 250 2.39 6.50 9.16
C GLY B 250 2.71 5.43 10.18
N GLY B 251 1.70 4.93 10.88
CA GLY B 251 1.91 3.77 11.67
C GLY B 251 2.63 4.00 12.99
N VAL B 252 2.68 5.24 13.49
CA VAL B 252 3.38 5.46 14.77
C VAL B 252 2.41 5.26 15.94
N TYR B 253 2.61 4.23 16.76
CA TYR B 253 1.82 3.99 17.99
C TYR B 253 2.72 3.99 19.23
N SER B 254 4.03 3.97 19.06
CA SER B 254 4.94 3.76 20.23
C SER B 254 6.23 4.52 19.93
N GLY B 255 7.08 4.64 20.97
CA GLY B 255 8.36 5.33 20.85
C GLY B 255 9.27 4.49 19.96
N GLU B 256 9.07 3.18 19.98
CA GLU B 256 9.76 2.30 19.04
C GLU B 256 9.43 2.57 17.58
N ASP B 257 8.15 2.77 17.24
CA ASP B 257 7.79 3.11 15.83
C ASP B 257 8.41 4.51 15.46
N ALA B 258 8.35 5.48 16.40
CA ALA B 258 9.04 6.77 16.18
C ALA B 258 10.56 6.64 15.95
N PHE B 259 11.17 5.77 16.74
CA PHE B 259 12.60 5.48 16.62
C PHE B 259 12.92 4.92 15.20
N LEU B 260 12.08 4.04 14.68
CA LEU B 260 12.25 3.48 13.30
C LEU B 260 12.11 4.54 12.23
N HIS B 261 11.12 5.43 12.35
CA HIS B 261 11.01 6.56 11.46
C HIS B 261 12.31 7.43 11.44
N ILE B 262 12.84 7.66 12.64
CA ILE B 262 13.99 8.53 12.74
C ILE B 262 15.22 7.82 12.14
N LEU B 263 15.40 6.53 12.44
CA LEU B 263 16.45 5.78 11.79
C LEU B 263 16.38 5.84 10.26
N ALA B 264 15.15 5.77 9.73
CA ALA B 264 14.91 5.82 8.31
C ALA B 264 15.21 7.24 7.78
N GLY B 265 15.25 8.25 8.68
CA GLY B 265 15.70 9.61 8.25
C GLY B 265 14.77 10.74 8.63
N ALA B 266 13.69 10.43 9.38
CA ALA B 266 12.69 11.41 9.74
C ALA B 266 13.27 12.49 10.74
N SER B 267 12.99 13.76 10.47
CA SER B 267 13.37 14.86 11.42
C SER B 267 12.18 15.08 12.38
N MET B 268 10.97 15.17 11.88
CA MET B 268 9.76 15.23 12.73
C MET B 268 8.97 13.95 12.45
N VAL B 269 8.14 13.60 13.42
CA VAL B 269 7.32 12.39 13.37
C VAL B 269 5.85 12.76 13.68
N GLN B 270 4.95 12.49 12.70
CA GLN B 270 3.53 12.86 12.82
C GLN B 270 2.76 11.62 13.28
N VAL B 271 1.73 11.88 14.09
CA VAL B 271 0.92 10.81 14.62
C VAL B 271 -0.55 11.05 14.18
N GLY B 272 -1.10 10.10 13.41
CA GLY B 272 -2.46 10.21 12.89
C GLY B 272 -3.45 9.28 13.59
N THR B 273 -3.67 8.09 13.02
CA THR B 273 -4.64 7.10 13.64
C THR B 273 -4.43 6.92 15.16
N ALA B 274 -3.19 6.72 15.61
CA ALA B 274 -3.00 6.44 17.05
C ALA B 274 -3.41 7.64 17.92
N LEU B 275 -3.26 8.86 17.38
CA LEU B 275 -3.70 10.09 18.08
C LEU B 275 -5.25 10.17 18.14
N GLN B 276 -5.86 9.86 17.00
CA GLN B 276 -7.29 9.78 16.91
C GLN B 276 -7.85 8.77 17.93
N GLU B 277 -7.16 7.66 18.12
CA GLU B 277 -7.70 6.60 18.94
C GLU B 277 -7.33 6.79 20.41
N GLU B 278 -6.13 7.30 20.70
CA GLU B 278 -5.71 7.37 22.05
C GLU B 278 -5.93 8.76 22.63
N GLY B 279 -5.94 9.82 21.80
CA GLY B 279 -6.07 11.19 22.36
C GLY B 279 -4.66 11.81 22.64
N PRO B 280 -4.59 13.10 22.99
CA PRO B 280 -3.35 13.91 23.02
C PRO B 280 -2.40 13.47 24.14
N GLY B 281 -2.87 12.61 25.06
CA GLY B 281 -2.02 12.03 26.11
C GLY B 281 -0.91 11.20 25.49
N ILE B 282 -1.18 10.73 24.28
CA ILE B 282 -0.21 9.85 23.61
C ILE B 282 1.16 10.51 23.50
N PHE B 283 1.21 11.84 23.42
CA PHE B 283 2.49 12.54 23.22
C PHE B 283 3.45 12.40 24.42
N THR B 284 2.94 12.39 25.64
CA THR B 284 3.85 12.17 26.77
C THR B 284 4.36 10.72 26.80
N ARG B 285 3.55 9.75 26.39
CA ARG B 285 3.97 8.37 26.33
C ARG B 285 5.05 8.16 25.25
N LEU B 286 4.76 8.65 24.04
CA LEU B 286 5.72 8.59 22.96
C LEU B 286 7.11 9.23 23.32
N GLU B 287 7.14 10.37 24.01
CA GLU B 287 8.39 11.01 24.46
C GLU B 287 9.13 10.10 25.41
N ASP B 288 8.42 9.60 26.41
CA ASP B 288 9.00 8.73 27.43
C ASP B 288 9.60 7.46 26.79
N GLU B 289 8.83 6.84 25.90
CA GLU B 289 9.25 5.62 25.28
C GLU B 289 10.47 5.86 24.35
N LEU B 290 10.50 6.93 23.56
CA LEU B 290 11.65 7.19 22.67
C LEU B 290 12.88 7.50 23.58
N LEU B 291 12.68 8.29 24.64
CA LEU B 291 13.81 8.56 25.55
C LEU B 291 14.37 7.30 26.18
N GLU B 292 13.49 6.38 26.52
CA GLU B 292 13.87 5.12 27.06
C GLU B 292 14.69 4.26 26.12
N ILE B 293 14.27 4.12 24.85
CA ILE B 293 15.08 3.40 23.83
C ILE B 293 16.47 4.07 23.66
N MET B 294 16.51 5.39 23.58
CA MET B 294 17.75 6.10 23.41
C MET B 294 18.76 5.82 24.55
N ALA B 295 18.27 5.86 25.79
CA ALA B 295 19.09 5.63 27.01
C ALA B 295 19.63 4.23 26.99
N ARG B 296 18.79 3.24 26.68
CA ARG B 296 19.24 1.86 26.61
C ARG B 296 20.39 1.67 25.57
N LYS B 297 20.35 2.41 24.46
CA LYS B 297 21.34 2.30 23.38
C LYS B 297 22.50 3.25 23.59
N GLY B 298 22.37 4.21 24.48
CA GLY B 298 23.41 5.17 24.74
C GLY B 298 23.39 6.39 23.83
N TYR B 299 22.25 6.70 23.19
CA TYR B 299 22.19 7.81 22.28
C TYR B 299 21.82 9.04 23.08
N ARG B 300 22.57 10.12 22.92
CA ARG B 300 22.23 11.39 23.58
C ARG B 300 21.36 12.34 22.75
N THR B 301 21.37 12.19 21.43
CA THR B 301 20.72 13.13 20.53
C THR B 301 20.04 12.32 19.42
N LEU B 302 19.04 12.93 18.78
CA LEU B 302 18.38 12.31 17.63
C LEU B 302 19.31 12.28 16.46
N GLU B 303 20.15 13.33 16.38
CA GLU B 303 21.13 13.48 15.31
C GLU B 303 22.08 12.26 15.27
N GLU B 304 22.37 11.65 16.39
CA GLU B 304 23.32 10.52 16.39
C GLU B 304 22.85 9.32 15.56
N PHE B 305 21.53 9.14 15.42
CA PHE B 305 21.00 7.97 14.68
C PHE B 305 20.04 8.32 13.53
N ARG B 306 19.76 9.61 13.29
CA ARG B 306 18.81 9.91 12.25
C ARG B 306 19.39 9.46 10.93
N GLY B 307 18.60 8.68 10.20
CA GLY B 307 18.99 8.20 8.87
C GLY B 307 20.09 7.18 8.88
N ARG B 308 20.44 6.68 10.06
CA ARG B 308 21.51 5.70 10.14
C ARG B 308 21.09 4.24 10.11
N VAL B 309 19.89 3.93 9.63
CA VAL B 309 19.49 2.54 9.45
C VAL B 309 20.61 1.80 8.71
N LYS B 310 20.94 0.63 9.21
CA LYS B 310 21.98 -0.20 8.56
C LYS B 310 21.43 -1.11 7.44
N THR B 311 22.18 -1.23 6.34
CA THR B 311 21.84 -2.21 5.30
C THR B 311 22.73 -3.48 5.48
N ILE B 312 22.43 -4.57 4.78
CA ILE B 312 23.23 -5.79 4.97
C ILE B 312 24.24 -5.95 3.87
N GLU B 313 25.50 -6.14 4.26
CA GLU B 313 26.65 -6.23 3.37
C GLU B 313 26.84 -4.99 2.51
#